data_2IH6
#
_entry.id   2IH6
#
_entity_poly.entity_id   1
_entity_poly.type   'polypeptide(L)'
_entity_poly.pdbx_seq_one_letter_code
;VCCGYPLCH(HYP)C
;
_entity_poly.pdbx_strand_id   A
#
# COMPACT_ATOMS: atom_id res chain seq x y z
N VAL A 1 1.21 4.02 2.40
CA VAL A 1 1.80 3.14 3.46
C VAL A 1 2.85 2.15 2.83
N CYS A 2 2.39 1.07 2.20
CA CYS A 2 3.22 -0.15 1.93
C CYS A 2 3.02 -0.80 0.52
N CYS A 3 3.18 -2.13 0.39
CA CYS A 3 2.41 -2.95 -0.60
C CYS A 3 1.57 -4.08 0.10
N GLY A 4 0.35 -3.78 0.57
CA GLY A 4 -0.57 -4.81 1.17
C GLY A 4 -1.48 -4.40 2.34
N TYR A 5 -2.12 -3.23 2.27
CA TYR A 5 -2.94 -2.65 3.36
C TYR A 5 -3.89 -1.52 2.78
N PRO A 6 -5.08 -1.20 3.34
CA PRO A 6 -5.96 -0.06 2.89
C PRO A 6 -5.35 1.23 2.25
N LEU A 7 -4.43 1.92 2.96
CA LEU A 7 -3.77 3.15 2.45
C LEU A 7 -2.57 2.95 1.44
N CYS A 8 -2.10 1.72 1.18
CA CYS A 8 -0.77 1.46 0.56
C CYS A 8 -0.57 1.89 -0.94
N HIS A 9 0.65 2.33 -1.27
CA HIS A 9 1.00 2.88 -2.61
C HIS A 9 1.15 1.82 -3.78
N HYP A 10 1.10 2.18 -5.09
CA HYP A 10 1.43 1.26 -6.22
C HYP A 10 2.84 0.55 -6.17
O HYP A 10 3.88 1.19 -5.99
CB HYP A 10 1.22 2.17 -7.46
CG HYP A 10 1.23 3.60 -6.92
CD HYP A 10 0.58 3.48 -5.56
OD1 HYP A 10 0.51 4.48 -7.77
HA HYP A 10 0.63 0.49 -6.26
HB2 HYP A 10 1.99 2.03 -8.25
HB3 HYP A 10 0.25 1.95 -7.93
HG HYP A 10 2.27 3.96 -6.79
HD22 HYP A 10 0.85 4.35 -4.93
HD23 HYP A 10 -0.52 3.46 -5.64
HD1 HYP A 10 1.18 4.96 -8.30
N CYS A 11 2.83 -0.78 -6.29
CA CYS A 11 4.01 -1.65 -6.03
C CYS A 11 4.97 -1.80 -7.23
N VAL A 1 0.98 4.02 2.15
CA VAL A 1 1.61 3.26 3.28
C VAL A 1 2.69 2.26 2.75
N CYS A 2 2.29 1.16 2.09
CA CYS A 2 3.15 -0.03 1.89
C CYS A 2 2.98 -0.77 0.51
N CYS A 3 3.24 -2.09 0.43
CA CYS A 3 2.51 -3.02 -0.47
C CYS A 3 1.75 -4.14 0.33
N GLY A 4 0.54 -3.84 0.83
CA GLY A 4 -0.28 -4.84 1.61
C GLY A 4 -1.22 -4.33 2.74
N TYR A 5 -1.93 -3.22 2.56
CA TYR A 5 -2.81 -2.58 3.59
C TYR A 5 -3.82 -1.59 2.89
N PRO A 6 -5.01 -1.23 3.44
CA PRO A 6 -5.93 -0.19 2.89
C PRO A 6 -5.35 1.05 2.11
N LEU A 7 -4.54 1.89 2.76
CA LEU A 7 -3.90 3.09 2.12
C LEU A 7 -2.71 2.83 1.13
N CYS A 8 -2.18 1.61 1.02
CA CYS A 8 -0.85 1.32 0.44
C CYS A 8 -0.61 1.75 -1.04
N HIS A 9 0.57 2.33 -1.29
CA HIS A 9 0.97 2.88 -2.62
C HIS A 9 1.18 1.80 -3.76
N HYP A 10 1.15 2.12 -5.08
CA HYP A 10 1.46 1.15 -6.18
C HYP A 10 2.80 0.34 -6.06
O HYP A 10 3.90 0.91 -5.97
CB HYP A 10 1.43 2.05 -7.43
CG HYP A 10 1.62 3.47 -6.91
CD HYP A 10 0.82 3.47 -5.61
OD1 HYP A 10 1.13 4.42 -7.84
HA HYP A 10 0.61 0.44 -6.25
HB2 HYP A 10 2.19 1.79 -8.18
HB3 HYP A 10 0.45 1.95 -7.94
HG HYP A 10 2.69 3.66 -6.67
HD22 HYP A 10 1.11 4.32 -4.98
HD23 HYP A 10 -0.26 3.55 -5.80
HD1 HYP A 10 1.88 5.02 -8.04
N CYS A 11 2.70 -1.00 -6.06
CA CYS A 11 3.87 -1.90 -5.83
C CYS A 11 4.90 -1.95 -7.00
N VAL A 1 0.84 4.48 2.56
CA VAL A 1 1.29 3.76 3.78
C VAL A 1 2.50 2.82 3.49
N CYS A 2 2.35 1.83 2.60
CA CYS A 2 3.25 0.64 2.51
C CYS A 2 3.18 -0.09 1.12
N CYS A 3 3.51 -1.39 1.07
CA CYS A 3 2.95 -2.35 0.09
C CYS A 3 2.04 -3.44 0.79
N GLY A 4 0.73 -3.44 0.53
CA GLY A 4 -0.18 -4.56 0.96
C GLY A 4 -1.20 -4.27 2.09
N TYR A 5 -2.14 -3.34 1.85
CA TYR A 5 -3.03 -2.74 2.89
C TYR A 5 -4.01 -1.73 2.17
N PRO A 6 -5.26 -1.43 2.62
CA PRO A 6 -6.12 -0.32 2.08
C PRO A 6 -5.48 1.01 1.55
N LEU A 7 -4.65 1.68 2.36
CA LEU A 7 -3.94 2.94 1.98
C LEU A 7 -2.57 2.76 1.21
N CYS A 8 -2.12 1.52 0.90
CA CYS A 8 -0.77 1.25 0.38
C CYS A 8 -0.67 1.24 -1.18
N HIS A 9 0.31 2.00 -1.69
CA HIS A 9 0.50 2.26 -3.14
C HIS A 9 1.08 1.09 -4.03
N HYP A 10 1.07 1.15 -5.39
CA HYP A 10 1.90 0.27 -6.27
C HYP A 10 3.39 0.00 -5.86
O HYP A 10 4.17 0.92 -5.61
CB HYP A 10 1.76 0.97 -7.65
CG HYP A 10 1.00 2.27 -7.42
CD HYP A 10 0.17 2.02 -6.18
OD1 HYP A 10 0.19 2.60 -8.54
HA HYP A 10 1.36 -0.69 -6.34
HB2 HYP A 10 2.74 1.18 -8.13
HB3 HYP A 10 1.23 0.30 -8.35
HG HYP A 10 1.70 3.10 -7.21
HD22 HYP A 10 -0.10 2.98 -5.70
HD23 HYP A 10 -0.77 1.50 -6.42
HD1 HYP A 10 -0.12 1.77 -8.93
N CYS A 11 3.77 -1.29 -5.77
CA CYS A 11 5.00 -1.73 -5.08
C CYS A 11 6.27 -1.67 -5.98
N VAL A 1 1.08 4.10 2.92
CA VAL A 1 1.24 3.17 4.08
C VAL A 1 2.37 2.12 3.79
N CYS A 2 2.14 1.13 2.91
CA CYS A 2 3.00 -0.08 2.79
C CYS A 2 3.10 -0.66 1.32
N CYS A 3 3.34 -1.98 1.18
CA CYS A 3 2.94 -2.76 -0.01
C CYS A 3 1.95 -3.93 0.34
N GLY A 4 0.67 -3.64 0.64
CA GLY A 4 -0.38 -4.69 0.85
C GLY A 4 -1.58 -4.37 1.76
N TYR A 5 -2.33 -3.31 1.47
CA TYR A 5 -3.44 -2.76 2.33
C TYR A 5 -4.19 -1.59 1.55
N PRO A 6 -5.48 -1.24 1.82
CA PRO A 6 -6.18 -0.05 1.21
C PRO A 6 -5.44 1.31 0.96
N LEU A 7 -4.83 1.90 1.98
CA LEU A 7 -4.01 3.14 1.86
C LEU A 7 -2.54 2.94 1.28
N CYS A 8 -2.05 1.70 1.11
CA CYS A 8 -0.68 1.41 0.64
C CYS A 8 -0.42 1.74 -0.86
N HIS A 9 0.71 2.36 -1.14
CA HIS A 9 1.11 2.81 -2.51
C HIS A 9 1.64 1.68 -3.47
N HYP A 10 1.72 1.85 -4.82
CA HYP A 10 2.32 0.83 -5.73
C HYP A 10 3.84 0.49 -5.49
O HYP A 10 4.65 1.35 -5.14
CB HYP A 10 2.02 1.44 -7.12
CG HYP A 10 1.87 2.95 -6.87
CD HYP A 10 1.14 3.00 -5.54
OD1 HYP A 10 1.10 3.57 -7.89
HA HYP A 10 1.72 -0.10 -5.65
HB2 HYP A 10 2.78 1.21 -7.88
HB3 HYP A 10 1.06 1.04 -7.50
HG HYP A 10 2.86 3.43 -6.76
HD22 HYP A 10 1.30 3.98 -5.07
HD23 HYP A 10 0.06 2.87 -5.68
HD1 HYP A 10 1.20 3.04 -8.71
N CYS A 11 4.19 -0.80 -5.62
CA CYS A 11 5.45 -1.35 -5.09
C CYS A 11 6.61 -1.30 -6.12
N VAL A 1 1.23 4.49 2.43
CA VAL A 1 1.51 3.62 3.60
C VAL A 1 2.62 2.55 3.28
N CYS A 2 2.33 1.57 2.41
CA CYS A 2 3.12 0.30 2.32
C CYS A 2 3.07 -0.41 0.91
N CYS A 3 3.45 -1.70 0.87
CA CYS A 3 2.87 -2.70 -0.06
C CYS A 3 1.82 -3.62 0.68
N GLY A 4 0.51 -3.44 0.40
CA GLY A 4 -0.55 -4.43 0.78
C GLY A 4 -1.59 -4.02 1.82
N TYR A 5 -2.36 -2.95 1.57
CA TYR A 5 -3.33 -2.35 2.55
C TYR A 5 -4.22 -1.24 1.85
N PRO A 6 -5.46 -0.90 2.31
CA PRO A 6 -6.29 0.24 1.78
C PRO A 6 -5.65 1.59 1.31
N LEU A 7 -4.83 2.22 2.15
CA LEU A 7 -4.08 3.47 1.81
C LEU A 7 -2.74 3.26 1.00
N CYS A 8 -2.20 2.04 0.91
CA CYS A 8 -0.84 1.77 0.40
C CYS A 8 -0.60 2.01 -1.13
N HIS A 9 0.65 2.39 -1.45
CA HIS A 9 1.12 2.61 -2.84
C HIS A 9 1.47 1.28 -3.63
N HYP A 10 1.60 1.25 -4.99
CA HYP A 10 2.11 0.06 -5.74
C HYP A 10 3.48 -0.54 -5.28
O HYP A 10 4.39 0.17 -4.83
CB HYP A 10 2.11 0.56 -7.19
CG HYP A 10 2.15 2.08 -7.09
CD HYP A 10 1.24 2.37 -5.90
OD1 HYP A 10 1.69 2.67 -8.29
HA HYP A 10 1.34 -0.75 -5.65
HB2 HYP A 10 2.96 0.17 -7.78
HB3 HYP A 10 1.19 0.22 -7.71
HG HYP A 10 3.17 2.43 -6.83
HD22 HYP A 10 1.43 3.38 -5.50
HD23 HYP A 10 0.17 2.31 -6.18
HD1 HYP A 10 0.77 2.36 -8.42
N CYS A 11 3.64 -1.87 -5.40
CA CYS A 11 4.80 -2.61 -4.83
C CYS A 11 6.07 -2.53 -5.71
N VAL A 1 1.40 4.40 2.39
CA VAL A 1 1.79 3.64 3.62
C VAL A 1 2.87 2.53 3.36
N CYS A 2 2.62 1.62 2.40
CA CYS A 2 3.32 0.31 2.29
C CYS A 2 3.18 -0.40 0.88
N CYS A 3 3.47 -1.72 0.82
CA CYS A 3 2.67 -2.69 0.02
C CYS A 3 1.68 -3.52 0.92
N GLY A 4 0.35 -3.39 0.76
CA GLY A 4 -0.64 -4.36 1.32
C GLY A 4 -1.70 -3.87 2.34
N TYR A 5 -2.39 -2.75 2.06
CA TYR A 5 -3.25 -2.02 3.05
C TYR A 5 -4.10 -0.91 2.33
N PRO A 6 -5.30 -0.46 2.80
CA PRO A 6 -6.06 0.72 2.23
C PRO A 6 -5.31 1.95 1.62
N LEU A 7 -4.44 2.59 2.39
CA LEU A 7 -3.62 3.76 1.94
C LEU A 7 -2.36 3.45 1.05
N CYS A 8 -1.92 2.18 0.93
CA CYS A 8 -0.64 1.79 0.31
C CYS A 8 -0.56 1.88 -1.25
N HIS A 9 0.66 2.05 -1.76
CA HIS A 9 0.95 2.20 -3.22
C HIS A 9 1.21 0.84 -3.99
N HYP A 10 1.21 0.75 -5.35
CA HYP A 10 1.66 -0.48 -6.10
C HYP A 10 3.08 -1.05 -5.74
O HYP A 10 4.02 -0.32 -5.42
CB HYP A 10 1.53 -0.02 -7.57
CG HYP A 10 1.42 1.49 -7.53
CD HYP A 10 0.66 1.79 -6.25
OD1 HYP A 10 0.72 1.97 -8.67
HA HYP A 10 0.91 -1.25 -5.92
HB2 HYP A 10 2.36 -0.36 -8.21
HB3 HYP A 10 0.61 -0.47 -8.00
HG HYP A 10 2.43 1.95 -7.47
HD22 HYP A 10 0.84 2.83 -5.92
HD23 HYP A 10 -0.42 1.66 -6.39
HD1 HYP A 10 -0.11 1.44 -8.73
N CYS A 11 3.20 -2.38 -5.78
CA CYS A 11 4.34 -3.12 -5.20
C CYS A 11 5.47 -3.41 -6.23
N VAL A 1 1.37 4.14 2.50
CA VAL A 1 1.73 3.16 3.56
C VAL A 1 2.74 2.09 3.03
N CYS A 2 2.31 1.12 2.22
CA CYS A 2 3.05 -0.16 1.98
C CYS A 2 2.92 -0.76 0.53
N CYS A 3 3.11 -2.08 0.37
CA CYS A 3 2.26 -2.91 -0.53
C CYS A 3 1.43 -3.94 0.30
N GLY A 4 0.13 -3.67 0.57
CA GLY A 4 -0.73 -4.60 1.37
C GLY A 4 -1.71 -4.04 2.43
N TYR A 5 -2.30 -2.85 2.20
CA TYR A 5 -3.23 -2.18 3.15
C TYR A 5 -4.03 -1.06 2.38
N PRO A 6 -5.26 -0.61 2.77
CA PRO A 6 -5.98 0.55 2.17
C PRO A 6 -5.18 1.81 1.66
N LEU A 7 -4.45 2.50 2.53
CA LEU A 7 -3.63 3.71 2.16
C LEU A 7 -2.30 3.46 1.34
N CYS A 8 -1.95 2.21 1.01
CA CYS A 8 -0.65 1.84 0.41
C CYS A 8 -0.42 2.29 -1.07
N HIS A 9 0.86 2.51 -1.42
CA HIS A 9 1.27 2.88 -2.81
C HIS A 9 1.45 1.65 -3.78
N HYP A 10 1.46 1.80 -5.14
CA HYP A 10 1.78 0.70 -6.09
C HYP A 10 3.06 -0.17 -5.82
O HYP A 10 4.10 0.33 -5.40
CB HYP A 10 1.83 1.42 -7.46
CG HYP A 10 1.75 2.91 -7.17
CD HYP A 10 1.04 3.03 -5.83
OD1 HYP A 10 1.02 3.59 -8.19
HA HYP A 10 0.90 0.03 -6.09
HB2 HYP A 10 2.73 1.19 -8.05
HB3 HYP A 10 0.97 1.08 -8.08
HG HYP A 10 2.77 3.34 -7.06
HD22 HYP A 10 1.34 3.96 -5.33
HD23 HYP A 10 -0.06 3.05 -5.94
HD1 HYP A 10 1.64 4.22 -8.61
N CYS A 11 2.93 -1.48 -6.02
CA CYS A 11 3.94 -2.49 -5.59
C CYS A 11 5.15 -2.60 -6.55
N VAL A 1 1.21 4.84 2.08
CA VAL A 1 1.72 4.10 3.28
C VAL A 1 2.88 3.12 2.93
N CYS A 2 2.60 2.01 2.21
CA CYS A 2 3.50 0.82 2.14
C CYS A 2 3.29 -0.07 0.85
N CYS A 3 3.51 -1.40 0.94
CA CYS A 3 2.88 -2.42 0.05
C CYS A 3 1.86 -3.33 0.82
N GLY A 4 0.59 -3.39 0.38
CA GLY A 4 -0.38 -4.44 0.85
C GLY A 4 -1.37 -4.07 1.98
N TYR A 5 -2.22 -3.07 1.77
CA TYR A 5 -3.00 -2.36 2.85
C TYR A 5 -3.94 -1.27 2.18
N PRO A 6 -5.13 -0.88 2.72
CA PRO A 6 -5.98 0.24 2.19
C PRO A 6 -5.31 1.52 1.59
N LEU A 7 -4.58 2.27 2.42
CA LEU A 7 -3.81 3.48 2.01
C LEU A 7 -2.48 3.23 1.21
N CYS A 8 -1.92 2.00 1.22
CA CYS A 8 -0.62 1.67 0.60
C CYS A 8 -0.60 1.66 -0.95
N HIS A 9 0.50 2.15 -1.53
CA HIS A 9 0.68 2.24 -3.00
C HIS A 9 0.96 0.85 -3.72
N HYP A 10 0.67 0.67 -5.04
CA HYP A 10 1.09 -0.54 -5.82
C HYP A 10 2.58 -1.01 -5.69
O HYP A 10 3.52 -0.20 -5.75
CB HYP A 10 0.70 -0.14 -7.27
CG HYP A 10 0.53 1.37 -7.24
CD HYP A 10 -0.06 1.64 -5.88
OD1 HYP A 10 -0.35 1.80 -8.26
HA HYP A 10 0.42 -1.36 -5.52
HB2 HYP A 10 1.43 -0.46 -8.03
HB3 HYP A 10 -0.26 -0.62 -7.53
HG HYP A 10 1.51 1.89 -7.31
HD22 HYP A 10 0.06 2.70 -5.60
HD23 HYP A 10 -1.15 1.41 -5.85
HD1 HYP A 10 0.16 1.75 -9.08
N CYS A 11 2.78 -2.31 -5.47
CA CYS A 11 4.11 -2.88 -5.13
C CYS A 11 5.06 -2.97 -6.35
N VAL A 1 2.37 4.03 2.29
CA VAL A 1 2.69 3.08 3.39
C VAL A 1 3.50 1.84 2.87
N CYS A 2 2.88 0.97 2.06
CA CYS A 2 3.40 -0.39 1.75
C CYS A 2 2.92 -0.91 0.33
N CYS A 3 2.87 -2.24 0.10
CA CYS A 3 2.06 -2.82 -1.01
C CYS A 3 0.52 -3.00 -0.73
N GLY A 4 0.08 -3.68 0.35
CA GLY A 4 -1.32 -4.15 0.49
C GLY A 4 -2.03 -3.75 1.80
N TYR A 5 -2.62 -2.56 1.86
CA TYR A 5 -3.24 -1.96 3.09
C TYR A 5 -4.04 -0.65 2.71
N PRO A 6 -5.08 -0.19 3.47
CA PRO A 6 -5.79 1.12 3.24
C PRO A 6 -5.04 2.38 2.69
N LEU A 7 -3.90 2.72 3.28
CA LEU A 7 -3.04 3.87 2.87
C LEU A 7 -1.97 3.59 1.74
N CYS A 8 -1.69 2.32 1.40
CA CYS A 8 -0.48 1.90 0.66
C CYS A 8 -0.37 2.30 -0.85
N HIS A 9 0.84 2.16 -1.40
CA HIS A 9 1.17 2.52 -2.80
C HIS A 9 0.90 1.38 -3.86
N HYP A 10 0.84 1.66 -5.20
CA HYP A 10 0.84 0.59 -6.25
C HYP A 10 2.05 -0.40 -6.22
O HYP A 10 3.21 0.00 -6.36
CB HYP A 10 0.77 1.44 -7.54
CG HYP A 10 1.37 2.78 -7.16
CD HYP A 10 0.79 3.02 -5.78
OD1 HYP A 10 0.98 3.80 -8.07
HA HYP A 10 -0.11 0.01 -6.16
HB2 HYP A 10 1.30 0.98 -8.39
HB3 HYP A 10 -0.28 1.55 -7.86
HG HYP A 10 2.47 2.73 -7.08
HD22 HYP A 10 1.37 3.78 -5.24
HD23 HYP A 10 -0.25 3.38 -5.82
HD1 HYP A 10 0.00 3.81 -8.07
N CYS A 11 1.79 -1.71 -6.04
CA CYS A 11 2.85 -2.72 -5.75
C CYS A 11 3.91 -2.92 -6.88
N VAL A 1 2.40 3.97 2.28
CA VAL A 1 2.67 2.94 3.33
C VAL A 1 3.41 1.71 2.71
N CYS A 2 2.70 0.84 1.97
CA CYS A 2 3.17 -0.54 1.67
C CYS A 2 2.73 -1.10 0.26
N CYS A 3 2.57 -2.44 0.14
CA CYS A 3 1.68 -3.05 -0.88
C CYS A 3 0.17 -3.25 -0.44
N GLY A 4 -0.12 -3.75 0.77
CA GLY A 4 -1.49 -4.22 1.15
C GLY A 4 -2.13 -3.58 2.40
N TYR A 5 -2.59 -2.33 2.30
CA TYR A 5 -3.25 -1.56 3.41
C TYR A 5 -3.95 -0.27 2.81
N PRO A 6 -5.03 0.34 3.39
CA PRO A 6 -5.64 1.62 2.92
C PRO A 6 -4.77 2.75 2.25
N LEU A 7 -3.71 3.22 2.92
CA LEU A 7 -2.79 4.28 2.39
C LEU A 7 -1.62 3.80 1.44
N CYS A 8 -1.55 2.50 1.08
CA CYS A 8 -0.36 1.90 0.42
C CYS A 8 -0.17 2.21 -1.09
N HIS A 9 1.09 2.35 -1.52
CA HIS A 9 1.47 2.48 -2.95
C HIS A 9 1.21 1.19 -3.82
N HYP A 10 1.24 1.19 -5.19
CA HYP A 10 1.20 -0.06 -6.02
C HYP A 10 2.30 -1.13 -5.70
O HYP A 10 3.46 -0.81 -5.45
CB HYP A 10 1.32 0.51 -7.45
CG HYP A 10 2.04 1.84 -7.26
CD HYP A 10 1.34 2.41 -6.02
OD1 HYP A 10 1.91 2.67 -8.39
HA HYP A 10 0.20 -0.50 -5.90
HB2 HYP A 10 1.86 -0.16 -8.15
HB3 HYP A 10 0.32 0.68 -7.89
HG HYP A 10 3.11 1.68 -7.01
HD22 HYP A 10 1.91 3.25 -5.60
HD23 HYP A 10 0.33 2.80 -6.28
HD1 HYP A 10 2.72 3.22 -8.41
N CYS A 11 1.92 -2.42 -5.76
CA CYS A 11 2.81 -3.53 -5.35
C CYS A 11 4.01 -3.78 -6.31
N VAL A 1 2.20 3.99 2.10
CA VAL A 1 2.54 3.08 3.24
C VAL A 1 3.33 1.81 2.77
N CYS A 2 2.69 0.92 1.99
CA CYS A 2 3.16 -0.47 1.74
C CYS A 2 2.72 -1.03 0.34
N CYS A 3 2.47 -2.36 0.23
CA CYS A 3 1.56 -2.94 -0.78
C CYS A 3 0.08 -3.15 -0.27
N GLY A 4 -0.17 -3.88 0.83
CA GLY A 4 -1.55 -4.31 1.24
C GLY A 4 -2.19 -3.64 2.47
N TYR A 5 -2.69 -2.41 2.31
CA TYR A 5 -3.35 -1.60 3.39
C TYR A 5 -4.10 -0.35 2.76
N PRO A 6 -5.15 0.27 3.37
CA PRO A 6 -5.79 1.55 2.91
C PRO A 6 -4.96 2.71 2.26
N LEU A 7 -3.83 3.09 2.87
CA LEU A 7 -2.91 4.15 2.33
C LEU A 7 -1.84 3.65 1.28
N CYS A 8 -1.71 2.35 0.99
CA CYS A 8 -0.52 1.77 0.33
C CYS A 8 -0.38 2.01 -1.21
N HIS A 9 0.89 2.08 -1.64
CA HIS A 9 1.29 2.31 -3.06
C HIS A 9 1.25 1.04 -3.98
N HYP A 10 1.44 1.10 -5.34
CA HYP A 10 1.63 -0.10 -6.20
C HYP A 10 2.71 -1.14 -5.76
O HYP A 10 3.78 -0.81 -5.23
CB HYP A 10 1.91 0.52 -7.58
CG HYP A 10 2.28 1.98 -7.32
CD HYP A 10 1.41 2.35 -6.13
OD1 HYP A 10 1.99 2.76 -8.47
HA HYP A 10 0.65 -0.60 -6.26
HB2 HYP A 10 2.69 -0.01 -8.16
HB3 HYP A 10 0.99 0.47 -8.21
HG HYP A 10 3.35 2.06 -7.03
HD22 HYP A 10 1.79 3.25 -5.64
HD23 HYP A 10 0.37 2.58 -6.45
HD1 HYP A 10 2.72 3.40 -8.59
N CYS A 11 2.41 -2.44 -5.94
CA CYS A 11 3.18 -3.54 -5.32
C CYS A 11 4.52 -3.92 -6.01
N VAL A 1 2.05 3.98 2.54
CA VAL A 1 2.39 2.98 3.60
C VAL A 1 3.21 1.79 3.01
N CYS A 2 2.57 0.90 2.22
CA CYS A 2 3.09 -0.46 1.93
C CYS A 2 2.73 -0.98 0.49
N CYS A 3 2.53 -2.30 0.33
CA CYS A 3 1.71 -2.88 -0.75
C CYS A 3 0.17 -3.05 -0.42
N GLY A 4 -0.22 -3.62 0.73
CA GLY A 4 -1.62 -4.08 0.97
C GLY A 4 -2.38 -3.47 2.16
N TYR A 5 -2.79 -2.21 2.06
CA TYR A 5 -3.55 -1.46 3.10
C TYR A 5 -4.18 -0.15 2.46
N PRO A 6 -5.25 0.50 3.01
CA PRO A 6 -5.78 1.83 2.53
C PRO A 6 -4.84 2.96 2.01
N LEU A 7 -3.78 3.31 2.75
CA LEU A 7 -2.75 4.30 2.30
C LEU A 7 -1.70 3.79 1.24
N CYS A 8 -1.56 2.48 1.02
CA CYS A 8 -0.40 1.85 0.35
C CYS A 8 -0.20 2.12 -1.19
N HIS A 9 1.07 2.14 -1.59
CA HIS A 9 1.50 2.30 -3.01
C HIS A 9 1.50 0.96 -3.84
N HYP A 10 1.69 0.94 -5.20
CA HYP A 10 1.88 -0.31 -5.99
C HYP A 10 2.90 -1.38 -5.47
O HYP A 10 3.93 -1.07 -4.86
CB HYP A 10 2.25 0.24 -7.38
CG HYP A 10 2.49 1.74 -7.21
CD HYP A 10 1.57 2.13 -6.07
OD1 HYP A 10 2.20 2.43 -8.42
HA HYP A 10 0.89 -0.78 -6.06
HB2 HYP A 10 3.11 -0.26 -7.86
HB3 HYP A 10 1.40 0.08 -8.07
HG HYP A 10 3.54 1.91 -6.90
HD22 HYP A 10 1.88 3.08 -5.63
HD23 HYP A 10 0.53 2.25 -6.43
HD1 HYP A 10 2.91 2.18 -9.05
N CYS A 11 2.58 -2.66 -5.72
CA CYS A 11 3.33 -3.81 -5.17
C CYS A 11 4.53 -4.23 -6.07
N VAL A 1 2.17 3.76 2.75
CA VAL A 1 2.41 2.66 3.72
C VAL A 1 3.23 1.51 3.02
N CYS A 2 2.54 0.57 2.36
CA CYS A 2 3.11 -0.76 1.97
C CYS A 2 2.74 -1.21 0.51
N CYS A 3 2.57 -2.52 0.26
CA CYS A 3 1.69 -3.04 -0.81
C CYS A 3 0.46 -3.80 -0.19
N GLY A 4 -0.77 -3.32 -0.46
CA GLY A 4 -2.02 -4.08 -0.11
C GLY A 4 -2.80 -3.66 1.15
N TYR A 5 -3.34 -2.44 1.18
CA TYR A 5 -3.99 -1.81 2.38
C TYR A 5 -4.52 -0.37 1.96
N PRO A 6 -5.60 0.22 2.56
CA PRO A 6 -6.05 1.63 2.32
C PRO A 6 -5.00 2.77 2.03
N LEU A 7 -4.08 3.01 2.96
CA LEU A 7 -2.99 4.01 2.79
C LEU A 7 -1.76 3.57 1.90
N CYS A 8 -1.64 2.29 1.50
CA CYS A 8 -0.42 1.73 0.85
C CYS A 8 -0.12 2.20 -0.61
N HIS A 9 1.17 2.22 -0.96
CA HIS A 9 1.65 2.64 -2.30
C HIS A 9 1.70 1.49 -3.40
N HYP A 10 1.84 1.78 -4.73
CA HYP A 10 2.05 0.74 -5.77
C HYP A 10 3.25 -0.25 -5.56
O HYP A 10 4.26 0.07 -4.92
CB HYP A 10 2.11 1.56 -7.07
CG HYP A 10 2.21 3.03 -6.67
CD HYP A 10 1.56 3.11 -5.31
OD1 HYP A 10 1.51 3.84 -7.61
HA HYP A 10 1.12 0.13 -5.79
HB2 HYP A 10 2.96 1.28 -7.71
HB3 HYP A 10 1.19 1.38 -7.65
HG HYP A 10 3.27 3.34 -6.56
HD22 HYP A 10 1.95 3.97 -4.74
HD23 HYP A 10 0.47 3.25 -5.40
HD1 HYP A 10 1.77 3.52 -8.49
N CYS A 11 3.11 -1.48 -6.09
CA CYS A 11 3.96 -2.63 -5.68
C CYS A 11 5.17 -2.89 -6.62
N VAL A 1 1.39 4.22 2.47
CA VAL A 1 1.84 3.30 3.56
C VAL A 1 2.85 2.22 3.04
N CYS A 2 2.41 1.26 2.22
CA CYS A 2 3.16 -0.02 1.98
C CYS A 2 2.98 -0.63 0.54
N CYS A 3 3.23 -1.94 0.38
CA CYS A 3 2.51 -2.80 -0.59
C CYS A 3 1.46 -3.73 0.12
N GLY A 4 0.18 -3.36 0.13
CA GLY A 4 -0.93 -4.26 0.60
C GLY A 4 -1.68 -3.86 1.88
N TYR A 5 -2.47 -2.78 1.81
CA TYR A 5 -3.29 -2.23 2.94
C TYR A 5 -4.14 -1.01 2.38
N PRO A 6 -5.32 -0.59 2.94
CA PRO A 6 -6.08 0.64 2.53
C PRO A 6 -5.34 1.92 2.03
N LEU A 7 -4.35 2.43 2.78
CA LEU A 7 -3.56 3.63 2.38
C LEU A 7 -2.31 3.35 1.44
N CYS A 8 -2.01 2.11 1.04
CA CYS A 8 -0.71 1.72 0.43
C CYS A 8 -0.51 2.11 -1.07
N HIS A 9 0.74 2.42 -1.43
CA HIS A 9 1.16 2.71 -2.83
C HIS A 9 1.41 1.44 -3.72
N HYP A 10 1.42 1.49 -5.08
CA HYP A 10 1.70 0.31 -5.94
C HYP A 10 3.07 -0.43 -5.73
O HYP A 10 4.10 0.16 -5.39
CB HYP A 10 1.49 0.86 -7.36
CG HYP A 10 1.45 2.38 -7.26
CD HYP A 10 0.94 2.66 -5.85
OD1 HYP A 10 0.58 2.88 -8.26
HA HYP A 10 0.89 -0.42 -5.74
HB2 HYP A 10 2.26 0.52 -8.08
HB3 HYP A 10 0.53 0.47 -7.75
HG HYP A 10 2.48 2.79 -7.35
HD22 HYP A 10 1.32 3.63 -5.51
HD23 HYP A 10 -0.16 2.70 -5.83
HD1 HYP A 10 0.77 3.84 -8.37
N CYS A 11 3.03 -1.76 -5.90
CA CYS A 11 4.13 -2.66 -5.47
C CYS A 11 5.37 -2.74 -6.41
N VAL A 1 1.34 4.59 2.11
CA VAL A 1 1.75 3.81 3.33
C VAL A 1 2.83 2.72 3.02
N CYS A 2 2.51 1.73 2.17
CA CYS A 2 3.27 0.45 2.09
C CYS A 2 3.08 -0.34 0.75
N CYS A 3 3.36 -1.65 0.73
CA CYS A 3 2.56 -2.65 -0.03
C CYS A 3 1.54 -3.43 0.88
N GLY A 4 0.27 -3.54 0.45
CA GLY A 4 -0.70 -4.52 1.04
C GLY A 4 -1.62 -4.03 2.18
N TYR A 5 -2.41 -2.98 1.95
CA TYR A 5 -3.20 -2.26 3.01
C TYR A 5 -4.15 -1.18 2.35
N PRO A 6 -5.28 -0.73 2.98
CA PRO A 6 -6.13 0.41 2.49
C PRO A 6 -5.47 1.68 1.83
N LEU A 7 -4.56 2.36 2.51
CA LEU A 7 -3.84 3.55 1.96
C LEU A 7 -2.59 3.27 1.03
N CYS A 8 -2.14 2.02 0.87
CA CYS A 8 -0.83 1.68 0.28
C CYS A 8 -0.70 1.82 -1.27
N HIS A 9 0.53 2.12 -1.72
CA HIS A 9 0.88 2.31 -3.16
C HIS A 9 1.15 0.97 -3.94
N HYP A 10 1.22 0.92 -5.31
CA HYP A 10 1.71 -0.29 -6.06
C HYP A 10 3.09 -0.90 -5.61
O HYP A 10 4.02 -0.18 -5.22
CB HYP A 10 1.73 0.24 -7.51
CG HYP A 10 1.75 1.76 -7.39
CD HYP A 10 0.85 2.03 -6.21
OD1 HYP A 10 1.29 2.38 -8.58
HA HYP A 10 0.94 -1.06 -5.99
HB2 HYP A 10 2.59 -0.13 -8.11
HB3 HYP A 10 0.81 -0.09 -8.04
HG HYP A 10 2.78 2.12 -7.15
HD22 HYP A 10 0.99 3.04 -5.82
HD23 HYP A 10 -0.22 1.93 -6.50
HD1 HYP A 10 0.49 1.90 -8.86
N CYS A 11 3.19 -2.23 -5.64
CA CYS A 11 4.32 -2.99 -5.06
C CYS A 11 5.50 -3.17 -6.06
N VAL A 1 1.37 4.07 2.54
CA VAL A 1 1.59 3.18 3.71
C VAL A 1 2.62 2.04 3.38
N CYS A 2 2.24 1.03 2.58
CA CYS A 2 2.98 -0.26 2.46
C CYS A 2 2.91 -0.93 1.02
N CYS A 3 2.94 -2.26 0.94
CA CYS A 3 2.48 -3.04 -0.25
C CYS A 3 1.39 -4.12 0.13
N GLY A 4 0.18 -3.68 0.55
CA GLY A 4 -0.96 -4.61 0.88
C GLY A 4 -1.96 -4.14 1.95
N TYR A 5 -2.65 -3.02 1.72
CA TYR A 5 -3.60 -2.37 2.67
C TYR A 5 -4.34 -1.17 1.93
N PRO A 6 -5.59 -0.74 2.31
CA PRO A 6 -6.27 0.47 1.74
C PRO A 6 -5.48 1.73 1.29
N LEU A 7 -4.67 2.32 2.18
CA LEU A 7 -3.80 3.50 1.86
C LEU A 7 -2.44 3.18 1.13
N CYS A 8 -2.03 1.91 1.00
CA CYS A 8 -0.67 1.53 0.55
C CYS A 8 -0.33 1.85 -0.93
N HIS A 9 0.90 2.33 -1.16
CA HIS A 9 1.40 2.72 -2.50
C HIS A 9 1.74 1.51 -3.46
N HYP A 10 1.76 1.65 -4.82
CA HYP A 10 2.23 0.58 -5.75
C HYP A 10 3.66 0.00 -5.47
O HYP A 10 4.62 0.73 -5.23
CB HYP A 10 2.08 1.25 -7.13
CG HYP A 10 2.08 2.75 -6.83
CD HYP A 10 1.29 2.85 -5.55
OD1 HYP A 10 1.48 3.49 -7.90
HA HYP A 10 1.49 -0.25 -5.69
HB2 HYP A 10 2.87 0.96 -7.84
HB3 HYP A 10 1.12 0.94 -7.58
HG HYP A 10 3.10 3.10 -6.63
HD22 HYP A 10 1.50 3.80 -5.04
HD23 HYP A 10 0.20 2.79 -5.73
HD1 HYP A 10 1.02 2.84 -8.45
N CYS A 11 3.79 -1.33 -5.51
CA CYS A 11 5.03 -2.06 -5.14
C CYS A 11 6.15 -1.93 -6.23
#